data_3OZU
#
_entry.id   3OZU
#
_cell.length_a   121.339
_cell.length_b   105.278
_cell.length_c   46.445
_cell.angle_alpha   90.00
_cell.angle_beta   101.90
_cell.angle_gamma   90.00
#
_symmetry.space_group_name_H-M   'C 1 2 1'
#
loop_
_entity.id
_entity.type
_entity.pdbx_description
1 polymer Flavohemoprotein
2 non-polymer 'PROTOPORPHYRIN IX CONTAINING FE'
3 non-polymer 'FLAVIN-ADENINE DINUCLEOTIDE'
4 non-polymer 1-[(2R)-2-[(2,4-dichlorobenzyl)oxy]-2-(2,4-dichlorophenyl)ethyl]-1H-imidazole
5 non-polymer 'PHOSPHATE ION'
6 water water
#
_entity_poly.entity_id   1
_entity_poly.type   'polypeptide(L)'
_entity_poly.pdbx_seq_one_letter_code
;MLTQKTKDIVKATAPVLAEHGYDIIKCFYQRMFEAHPELKNVFNMAHQEQGQQQQALARAVYAYAENIEDPNSLMAVLKN
IANKHASLGVKPEQYPIVGEHLLAAIKEVLGNAATDDIISAWAQAYGNLADVLMGMESELYERSAEQPGGWKGWRTFVIR
EKRPESDVITSFILEPADGGPVVNFEPGQYTSVAIDVPALGLQQIRQYSLSDMPNGRSYRISVKREGGGPQPPGYVSNLL
HDHVNVGDQVKLAAPYGSFHIDVDAKTPIVLISGGVGLTPMVSMLKVALQAPPRQVVFVHGARNSAVHAMRDRLREAAKT
YENLDLFVFYDQPLPEDVQGRDYDYPGLVDVKQIEKSILLPDADYYICGPIPFMRMQHDALKNLGIHEARIHYEVFGPDL
FAE
;
_entity_poly.pdbx_strand_id   A
#
loop_
_chem_comp.id
_chem_comp.type
_chem_comp.name
_chem_comp.formula
FAD non-polymer 'FLAVIN-ADENINE DINUCLEOTIDE' 'C27 H33 N9 O15 P2'
HEM non-polymer 'PROTOPORPHYRIN IX CONTAINING FE' 'C34 H32 Fe N4 O4'
PO4 non-polymer 'PHOSPHATE ION' 'O4 P -3'
X89 non-polymer 1-[(2R)-2-[(2,4-dichlorobenzyl)oxy]-2-(2,4-dichlorophenyl)ethyl]-1H-imidazole 'C18 H14 Cl4 N2 O'
#
# COMPACT_ATOMS: atom_id res chain seq x y z
N MET A 1 -18.05 11.07 19.63
CA MET A 1 -17.36 12.22 18.88
C MET A 1 -16.45 13.00 19.83
N LEU A 2 -15.23 13.38 19.43
CA LEU A 2 -14.27 14.00 20.35
C LEU A 2 -14.56 15.44 20.61
N THR A 3 -14.55 15.85 21.86
CA THR A 3 -14.52 17.28 22.15
C THR A 3 -13.14 17.91 21.77
N GLN A 4 -13.08 19.24 21.68
CA GLN A 4 -11.84 19.98 21.36
C GLN A 4 -10.72 19.69 22.40
N LYS A 5 -11.09 19.63 23.69
CA LYS A 5 -10.16 19.28 24.77
C LYS A 5 -9.54 17.91 24.57
N THR A 6 -10.36 16.95 24.18
CA THR A 6 -9.84 15.66 23.96
C THR A 6 -9.00 15.63 22.65
N LYS A 7 -9.42 16.30 21.58
CA LYS A 7 -8.53 16.40 20.42
C LYS A 7 -7.16 17.03 20.81
N ASP A 8 -7.21 18.01 21.70
CA ASP A 8 -5.99 18.67 22.14
C ASP A 8 -4.98 17.76 22.85
N ILE A 9 -5.49 16.94 23.74
CA ILE A 9 -4.75 15.86 24.34
C ILE A 9 -4.13 14.94 23.29
N VAL A 10 -4.95 14.50 22.33
CA VAL A 10 -4.41 13.58 21.33
C VAL A 10 -3.22 14.26 20.59
N LYS A 11 -3.45 15.50 20.20
CA LYS A 11 -2.46 16.22 19.47
C LYS A 11 -1.22 16.37 20.35
N ALA A 12 -1.35 16.67 21.62
CA ALA A 12 -0.15 17.04 22.37
C ALA A 12 0.61 15.75 22.67
N THR A 13 -0.09 14.61 22.66
CA THR A 13 0.56 13.35 23.09
C THR A 13 0.97 12.38 21.98
N ALA A 14 0.61 12.66 20.74
CA ALA A 14 0.93 11.80 19.63
C ALA A 14 2.46 11.65 19.58
N PRO A 15 3.22 12.78 19.79
CA PRO A 15 4.68 12.52 19.69
C PRO A 15 5.16 11.55 20.77
N VAL A 16 4.51 11.55 21.93
CA VAL A 16 4.85 10.66 23.00
C VAL A 16 4.64 9.21 22.58
N LEU A 17 3.42 8.82 22.14
CA LEU A 17 3.23 7.46 21.61
C LEU A 17 4.28 7.13 20.52
N ALA A 18 4.50 8.04 19.59
CA ALA A 18 5.52 7.86 18.58
C ALA A 18 6.88 7.52 19.12
N GLU A 19 7.33 8.27 20.10
CA GLU A 19 8.67 8.12 20.62
C GLU A 19 8.79 6.74 21.29
N HIS A 20 7.69 6.23 21.84
CA HIS A 20 7.72 4.93 22.50
C HIS A 20 7.12 3.83 21.63
N GLY A 21 7.10 4.04 20.31
CA GLY A 21 6.31 3.19 19.43
C GLY A 21 6.72 1.74 19.43
N TYR A 22 8.02 1.49 19.40
CA TYR A 22 8.56 0.11 19.45
C TYR A 22 8.10 -0.70 20.68
N ASP A 23 8.27 -0.12 21.86
CA ASP A 23 7.81 -0.81 23.07
C ASP A 23 6.30 -1.04 23.08
N ILE A 24 5.56 -0.04 22.64
CA ILE A 24 4.10 -0.15 22.62
C ILE A 24 3.69 -1.31 21.73
N ILE A 25 4.27 -1.39 20.51
CA ILE A 25 3.91 -2.44 19.56
CA ILE A 25 4.00 -2.44 19.52
C ILE A 25 4.20 -3.82 20.17
N LYS A 26 5.39 -4.03 20.72
CA LYS A 26 5.79 -5.31 21.35
C LYS A 26 4.82 -5.77 22.46
N CYS A 27 4.59 -4.89 23.42
CA CYS A 27 3.59 -5.12 24.45
C CYS A 27 2.18 -5.37 23.92
N PHE A 28 1.71 -4.59 22.93
CA PHE A 28 0.44 -4.83 22.27
C PHE A 28 0.33 -6.27 21.70
N TYR A 29 1.31 -6.69 20.90
CA TYR A 29 1.17 -8.05 20.37
C TYR A 29 1.24 -9.10 21.48
N GLN A 30 2.16 -8.91 22.43
CA GLN A 30 2.27 -9.86 23.52
C GLN A 30 0.91 -10.08 24.26
N ARG A 31 0.30 -8.97 24.68
CA ARG A 31 -0.97 -8.97 25.40
C ARG A 31 -2.07 -9.52 24.52
N MET A 32 -2.14 -9.08 23.27
CA MET A 32 -3.24 -9.49 22.41
C MET A 32 -3.18 -11.00 22.07
N PHE A 33 -2.00 -11.47 21.63
CA PHE A 33 -1.86 -12.89 21.31
C PHE A 33 -1.99 -13.79 22.50
N GLU A 34 -1.68 -13.30 23.69
CA GLU A 34 -1.93 -14.09 24.88
C GLU A 34 -3.43 -14.28 25.16
N ALA A 35 -4.24 -13.27 24.96
CA ALA A 35 -5.70 -13.47 25.10
C ALA A 35 -6.36 -14.16 23.91
N HIS A 36 -5.87 -13.83 22.72
CA HIS A 36 -6.44 -14.22 21.43
C HIS A 36 -5.40 -14.72 20.46
N PRO A 37 -4.88 -15.92 20.74
CA PRO A 37 -3.84 -16.48 19.87
C PRO A 37 -4.28 -16.77 18.45
N GLU A 38 -5.59 -16.96 18.27
CA GLU A 38 -6.10 -17.14 16.90
C GLU A 38 -5.77 -15.94 15.98
N LEU A 39 -5.47 -14.75 16.49
CA LEU A 39 -5.21 -13.61 15.62
C LEU A 39 -3.84 -13.63 14.99
N LYS A 40 -2.98 -14.56 15.41
CA LYS A 40 -1.73 -14.74 14.68
C LYS A 40 -1.93 -15.20 13.24
N ASN A 41 -3.13 -15.74 12.96
CA ASN A 41 -3.52 -16.15 11.61
C ASN A 41 -3.90 -15.00 10.65
N VAL A 42 -4.05 -13.80 11.20
CA VAL A 42 -4.46 -12.60 10.44
C VAL A 42 -3.29 -11.59 10.44
N PHE A 43 -2.57 -11.51 11.55
CA PHE A 43 -1.41 -10.58 11.62
C PHE A 43 -0.13 -11.20 10.99
N ASN A 44 0.83 -10.38 10.57
CA ASN A 44 2.03 -10.83 9.95
C ASN A 44 2.95 -11.21 11.07
N MET A 45 3.39 -12.47 11.05
CA MET A 45 4.21 -13.04 12.13
CA MET A 45 4.19 -12.97 12.15
C MET A 45 5.67 -13.09 11.81
N ALA A 46 6.04 -12.67 10.61
CA ALA A 46 7.45 -12.62 10.23
C ALA A 46 8.09 -11.42 10.91
N HIS A 47 9.35 -11.57 11.28
CA HIS A 47 9.95 -10.45 11.97
C HIS A 47 10.41 -9.40 10.97
N GLN A 48 10.13 -8.16 11.35
CA GLN A 48 10.56 -6.96 10.68
C GLN A 48 11.50 -6.24 11.68
N GLU A 49 12.61 -5.70 11.19
CA GLU A 49 13.48 -4.95 12.10
C GLU A 49 12.73 -3.80 12.87
N GLN A 50 13.20 -3.49 14.10
CA GLN A 50 12.60 -2.47 15.00
C GLN A 50 12.21 -1.09 14.41
N GLY A 51 13.12 -0.50 13.63
CA GLY A 51 12.99 0.88 13.16
C GLY A 51 11.76 0.92 12.31
N GLN A 52 11.70 -0.01 11.38
CA GLN A 52 10.56 -0.15 10.48
C GLN A 52 9.19 -0.24 11.17
N GLN A 53 9.12 -0.95 12.30
CA GLN A 53 7.83 -1.09 12.97
C GLN A 53 7.52 0.22 13.71
N GLN A 54 8.54 0.78 14.37
CA GLN A 54 8.43 2.06 15.05
CA GLN A 54 8.39 2.09 15.06
C GLN A 54 7.90 3.13 14.07
N GLN A 55 8.56 3.21 12.90
CA GLN A 55 8.20 4.23 11.91
C GLN A 55 6.78 4.09 11.40
N ALA A 56 6.38 2.86 11.04
CA ALA A 56 5.04 2.66 10.53
C ALA A 56 4.07 3.23 11.52
N LEU A 57 4.25 2.87 12.78
CA LEU A 57 3.29 3.30 13.76
C LEU A 57 3.31 4.79 13.98
N ALA A 58 4.53 5.36 14.13
CA ALA A 58 4.71 6.80 14.31
C ALA A 58 3.93 7.55 13.21
N ARG A 59 4.11 7.07 11.98
CA ARG A 59 3.50 7.63 10.83
C ARG A 59 1.97 7.61 10.95
N ALA A 60 1.36 6.49 11.33
CA ALA A 60 -0.11 6.39 11.44
C ALA A 60 -0.64 7.39 12.48
N VAL A 61 0.12 7.49 13.56
CA VAL A 61 -0.25 8.30 14.66
C VAL A 61 -0.12 9.78 14.32
N TYR A 62 0.95 10.15 13.65
CA TYR A 62 1.12 11.51 13.20
C TYR A 62 0.08 11.84 12.13
N ALA A 63 -0.24 10.90 11.25
CA ALA A 63 -1.23 11.16 10.24
C ALA A 63 -2.60 11.47 10.89
N TYR A 64 -2.91 10.74 11.96
CA TYR A 64 -4.14 10.97 12.66
C TYR A 64 -4.17 12.34 13.35
N ALA A 65 -3.14 12.64 14.13
CA ALA A 65 -2.99 13.92 14.82
C ALA A 65 -3.09 15.12 13.91
N GLU A 66 -2.31 15.10 12.81
CA GLU A 66 -2.37 16.15 11.83
C GLU A 66 -3.74 16.41 11.21
N ASN A 67 -4.61 15.41 11.13
CA ASN A 67 -5.84 15.54 10.36
C ASN A 67 -7.04 15.37 11.28
N ILE A 68 -6.80 15.39 12.58
CA ILE A 68 -7.88 15.20 13.56
C ILE A 68 -8.96 16.34 13.51
N GLU A 69 -8.63 17.48 12.92
CA GLU A 69 -9.60 18.61 12.78
C GLU A 69 -10.02 18.84 11.34
N ASP A 70 -9.68 17.91 10.46
CA ASP A 70 -9.90 18.13 9.05
C ASP A 70 -10.58 16.87 8.56
N PRO A 71 -11.92 16.80 8.70
CA PRO A 71 -12.70 15.63 8.28
C PRO A 71 -12.32 15.04 6.89
N ASN A 72 -12.19 15.89 5.88
CA ASN A 72 -11.86 15.41 4.56
C ASN A 72 -10.45 14.79 4.39
N SER A 73 -9.45 15.42 4.98
CA SER A 73 -8.15 14.75 5.06
C SER A 73 -8.18 13.42 5.91
N LEU A 74 -8.83 13.45 7.08
CA LEU A 74 -8.96 12.23 7.91
C LEU A 74 -9.57 11.06 7.12
N MET A 75 -10.67 11.31 6.39
CA MET A 75 -11.35 10.23 5.63
C MET A 75 -10.45 9.68 4.53
N ALA A 76 -9.67 10.55 3.89
CA ALA A 76 -8.72 10.16 2.86
C ALA A 76 -7.70 9.16 3.47
N VAL A 77 -7.17 9.44 4.66
CA VAL A 77 -6.20 8.48 5.20
C VAL A 77 -6.90 7.22 5.71
N LEU A 78 -8.08 7.37 6.31
CA LEU A 78 -8.84 6.17 6.71
C LEU A 78 -9.18 5.22 5.56
N LYS A 79 -9.44 5.76 4.36
CA LYS A 79 -9.98 4.81 3.35
C LYS A 79 -8.85 3.88 2.91
N ASN A 80 -7.63 4.38 2.96
CA ASN A 80 -6.50 3.53 2.75
C ASN A 80 -6.43 2.36 3.77
N ILE A 81 -6.62 2.65 5.04
CA ILE A 81 -6.62 1.61 6.01
C ILE A 81 -7.85 0.70 5.84
N ALA A 82 -9.04 1.25 5.58
CA ALA A 82 -10.25 0.41 5.34
C ALA A 82 -9.97 -0.62 4.20
N ASN A 83 -9.35 -0.18 3.11
CA ASN A 83 -9.05 -1.09 2.01
C ASN A 83 -8.16 -2.31 2.36
N LYS A 84 -7.12 -2.03 3.14
CA LYS A 84 -6.17 -3.04 3.66
C LYS A 84 -6.92 -4.00 4.63
N HIS A 85 -7.61 -3.46 5.61
CA HIS A 85 -8.38 -4.25 6.56
C HIS A 85 -9.43 -5.13 5.79
N ALA A 86 -10.08 -4.56 4.77
CA ALA A 86 -11.09 -5.34 4.00
C ALA A 86 -10.35 -6.46 3.23
N SER A 87 -9.17 -6.14 2.65
CA SER A 87 -8.36 -7.17 2.01
C SER A 87 -8.04 -8.30 3.07
N LEU A 88 -7.60 -7.93 4.27
CA LEU A 88 -7.22 -8.91 5.28
C LEU A 88 -8.46 -9.68 5.82
N GLY A 89 -9.67 -9.15 5.64
CA GLY A 89 -10.95 -9.76 6.23
C GLY A 89 -11.21 -9.30 7.67
N VAL A 90 -10.64 -8.14 8.08
CA VAL A 90 -10.96 -7.62 9.43
C VAL A 90 -12.50 -7.56 9.71
N LYS A 91 -12.89 -7.97 10.92
CA LYS A 91 -14.29 -8.08 11.30
C LYS A 91 -14.60 -7.09 12.41
N PRO A 92 -15.85 -6.63 12.45
CA PRO A 92 -16.22 -5.67 13.51
C PRO A 92 -16.01 -6.22 14.92
N GLU A 93 -16.25 -7.50 15.12
CA GLU A 93 -16.10 -8.03 16.52
C GLU A 93 -14.63 -8.09 16.95
N GLN A 94 -13.66 -7.85 16.05
CA GLN A 94 -12.26 -7.78 16.49
C GLN A 94 -11.81 -6.41 17.04
N TYR A 95 -12.52 -5.34 16.69
CA TYR A 95 -12.19 -4.00 17.23
C TYR A 95 -12.13 -3.86 18.79
N PRO A 96 -13.05 -4.42 19.51
CA PRO A 96 -12.94 -4.37 20.98
C PRO A 96 -11.66 -5.11 21.54
N ILE A 97 -11.22 -6.17 20.83
CA ILE A 97 -10.00 -6.95 21.23
C ILE A 97 -8.81 -6.07 20.97
N VAL A 98 -8.75 -5.45 19.81
CA VAL A 98 -7.52 -4.66 19.53
C VAL A 98 -7.50 -3.41 20.45
N GLY A 99 -8.68 -2.82 20.70
CA GLY A 99 -8.66 -1.59 21.48
C GLY A 99 -8.23 -1.88 22.94
N GLU A 100 -8.77 -2.98 23.53
CA GLU A 100 -8.42 -3.29 24.89
C GLU A 100 -6.87 -3.45 25.01
N HIS A 101 -6.25 -4.19 24.08
CA HIS A 101 -4.85 -4.56 24.30
C HIS A 101 -3.94 -3.38 23.95
N LEU A 102 -4.42 -2.55 23.03
CA LEU A 102 -3.65 -1.39 22.57
C LEU A 102 -3.56 -0.37 23.72
N LEU A 103 -4.71 -0.10 24.34
CA LEU A 103 -4.78 0.77 25.55
C LEU A 103 -3.99 0.26 26.71
N ALA A 104 -4.11 -1.03 27.00
CA ALA A 104 -3.36 -1.63 28.06
C ALA A 104 -1.84 -1.56 27.74
N ALA A 105 -1.47 -1.63 26.48
CA ALA A 105 -0.05 -1.57 26.12
C ALA A 105 0.41 -0.14 26.26
N ILE A 106 -0.42 0.81 25.87
CA ILE A 106 -0.07 2.22 26.06
C ILE A 106 0.20 2.54 27.52
N LYS A 107 -0.73 2.12 28.40
CA LYS A 107 -0.54 2.31 29.86
C LYS A 107 0.75 1.65 30.40
N GLU A 108 1.02 0.40 29.96
CA GLU A 108 2.10 -0.37 30.50
C GLU A 108 3.43 0.27 30.15
N VAL A 109 3.60 0.74 28.91
CA VAL A 109 4.87 1.18 28.39
C VAL A 109 5.16 2.58 28.87
N LEU A 110 4.12 3.41 28.81
CA LEU A 110 4.18 4.79 29.26
C LEU A 110 4.26 4.91 30.79
N GLY A 111 3.86 3.84 31.50
CA GLY A 111 3.98 3.80 32.97
C GLY A 111 3.42 5.08 33.56
N ASN A 112 4.24 5.81 34.31
CA ASN A 112 3.82 7.09 34.93
C ASN A 112 3.27 8.13 33.97
N ALA A 113 4.01 8.40 32.89
CA ALA A 113 3.56 9.28 31.81
C ALA A 113 2.11 9.00 31.33
N ALA A 114 1.62 7.78 31.47
CA ALA A 114 0.29 7.47 30.90
C ALA A 114 -0.83 7.89 31.84
N THR A 115 -1.05 9.19 31.93
CA THR A 115 -2.07 9.77 32.79
C THR A 115 -3.50 9.32 32.42
N ASP A 116 -4.41 9.46 33.37
CA ASP A 116 -5.81 9.11 33.13
C ASP A 116 -6.40 9.85 31.93
N ASP A 117 -5.97 11.10 31.76
CA ASP A 117 -6.49 11.95 30.70
C ASP A 117 -6.01 11.50 29.38
N ILE A 118 -4.76 11.01 29.34
CA ILE A 118 -4.19 10.53 28.11
C ILE A 118 -4.80 9.18 27.68
N ILE A 119 -4.90 8.22 28.57
CA ILE A 119 -5.56 6.93 28.24
C ILE A 119 -7.01 7.11 27.77
N SER A 120 -7.74 7.96 28.46
CA SER A 120 -9.13 8.16 28.11
C SER A 120 -9.24 8.86 26.73
N ALA A 121 -8.41 9.88 26.50
CA ALA A 121 -8.42 10.55 25.21
C ALA A 121 -8.08 9.59 24.09
N TRP A 122 -7.06 8.73 24.28
CA TRP A 122 -6.75 7.81 23.18
C TRP A 122 -7.80 6.68 23.09
N ALA A 123 -8.49 6.34 24.19
CA ALA A 123 -9.60 5.33 24.10
C ALA A 123 -10.74 5.89 23.30
N GLN A 124 -10.96 7.18 23.46
CA GLN A 124 -11.93 7.87 22.63
C GLN A 124 -11.56 7.92 21.17
N ALA A 125 -10.32 8.36 20.87
CA ALA A 125 -9.88 8.33 19.50
C ALA A 125 -10.04 6.91 18.92
N TYR A 126 -9.71 5.85 19.68
CA TYR A 126 -9.87 4.51 19.18
C TYR A 126 -11.33 4.21 18.79
N GLY A 127 -12.25 4.54 19.67
CA GLY A 127 -13.67 4.22 19.52
C GLY A 127 -14.15 4.98 18.28
N ASN A 128 -13.67 6.20 18.08
CA ASN A 128 -14.17 7.03 16.96
C ASN A 128 -13.68 6.51 15.58
N LEU A 129 -12.37 6.24 15.49
CA LEU A 129 -11.75 5.62 14.32
C LEU A 129 -12.28 4.22 14.05
N ALA A 130 -12.46 3.40 15.05
CA ALA A 130 -13.02 2.05 14.86
C ALA A 130 -14.47 2.13 14.24
N ASP A 131 -15.28 3.06 14.76
CA ASP A 131 -16.59 3.33 14.18
C ASP A 131 -16.53 3.65 12.66
N VAL A 132 -15.67 4.63 12.32
CA VAL A 132 -15.44 5.06 10.94
C VAL A 132 -15.00 3.89 10.08
N LEU A 133 -14.00 3.19 10.56
CA LEU A 133 -13.38 2.05 9.81
C LEU A 133 -14.34 0.93 9.60
N MET A 134 -15.08 0.57 10.66
CA MET A 134 -16.08 -0.55 10.55
C MET A 134 -17.11 -0.28 9.44
N GLY A 135 -17.66 0.92 9.45
CA GLY A 135 -18.67 1.37 8.48
C GLY A 135 -18.06 1.37 7.07
N MET A 136 -16.81 1.89 6.93
CA MET A 136 -16.16 1.93 5.63
C MET A 136 -15.87 0.50 5.16
N GLU A 137 -15.35 -0.38 6.03
CA GLU A 137 -15.08 -1.76 5.64
C GLU A 137 -16.37 -2.52 5.24
N SER A 138 -17.43 -2.34 5.99
CA SER A 138 -18.77 -2.89 5.68
C SER A 138 -19.27 -2.44 4.30
N GLU A 139 -19.05 -1.16 3.96
CA GLU A 139 -19.37 -0.68 2.62
C GLU A 139 -18.56 -1.39 1.61
N LEU A 140 -17.28 -1.49 1.86
CA LEU A 140 -16.43 -2.19 0.87
C LEU A 140 -16.89 -3.62 0.61
N TYR A 141 -17.11 -4.35 1.69
CA TYR A 141 -17.56 -5.75 1.63
C TYR A 141 -18.85 -5.87 0.86
N GLU A 142 -19.77 -4.95 1.14
CA GLU A 142 -21.07 -5.03 0.52
C GLU A 142 -21.00 -4.67 -0.97
N ARG A 143 -20.21 -3.66 -1.30
CA ARG A 143 -20.06 -3.26 -2.68
C ARG A 143 -19.38 -4.41 -3.46
N SER A 144 -18.38 -5.07 -2.86
CA SER A 144 -17.68 -6.18 -3.59
C SER A 144 -18.64 -7.32 -3.87
N ALA A 145 -19.35 -7.74 -2.82
CA ALA A 145 -20.34 -8.83 -2.90
C ALA A 145 -21.47 -8.60 -3.92
N GLU A 146 -21.88 -7.36 -4.14
CA GLU A 146 -22.93 -7.06 -5.13
C GLU A 146 -22.45 -6.98 -6.59
N GLN A 147 -21.14 -6.81 -6.80
CA GLN A 147 -20.57 -6.84 -8.15
C GLN A 147 -20.68 -8.22 -8.81
N PRO A 148 -20.89 -8.25 -10.14
CA PRO A 148 -20.80 -9.59 -10.74
C PRO A 148 -19.35 -10.07 -10.60
N GLY A 149 -19.22 -11.30 -10.10
CA GLY A 149 -17.92 -11.95 -9.91
C GLY A 149 -17.28 -11.48 -8.63
N GLY A 150 -17.97 -10.68 -7.81
CA GLY A 150 -17.34 -10.23 -6.55
C GLY A 150 -17.73 -11.15 -5.44
N TRP A 151 -17.07 -11.03 -4.31
CA TRP A 151 -17.43 -11.84 -3.13
C TRP A 151 -16.94 -11.13 -1.86
N LYS A 152 -17.33 -11.68 -0.72
CA LYS A 152 -16.83 -11.38 0.63
C LYS A 152 -15.95 -12.44 1.16
N GLY A 153 -14.90 -12.08 1.91
CA GLY A 153 -14.09 -13.14 2.52
C GLY A 153 -13.17 -13.82 1.53
N TRP A 154 -12.82 -15.07 1.82
CA TRP A 154 -11.93 -15.88 0.97
C TRP A 154 -12.72 -16.60 -0.15
N ARG A 155 -12.18 -16.59 -1.37
CA ARG A 155 -12.70 -17.41 -2.51
C ARG A 155 -11.55 -18.26 -3.00
N THR A 156 -11.80 -19.55 -3.23
CA THR A 156 -10.68 -20.46 -3.59
C THR A 156 -10.32 -20.30 -5.08
N PHE A 157 -9.04 -20.06 -5.37
CA PHE A 157 -8.59 -20.09 -6.77
C PHE A 157 -7.59 -21.24 -7.03
N VAL A 158 -7.45 -21.61 -8.30
CA VAL A 158 -6.54 -22.65 -8.84
C VAL A 158 -5.50 -21.94 -9.68
N ILE A 159 -4.22 -22.34 -9.53
CA ILE A 159 -3.14 -21.89 -10.41
C ILE A 159 -3.29 -22.57 -11.75
N ARG A 160 -3.49 -21.77 -12.79
CA ARG A 160 -3.63 -22.30 -14.11
C ARG A 160 -2.34 -22.28 -14.84
N GLU A 161 -1.46 -21.36 -14.47
CA GLU A 161 -0.13 -21.29 -15.06
C GLU A 161 0.84 -20.58 -14.16
N LYS A 162 2.10 -20.92 -14.32
CA LYS A 162 3.09 -20.51 -13.44
C LYS A 162 4.31 -20.31 -14.31
N ARG A 163 4.73 -19.07 -14.48
CA ARG A 163 5.82 -18.78 -15.41
C ARG A 163 6.88 -17.90 -14.79
N PRO A 164 8.15 -18.36 -14.72
CA PRO A 164 9.27 -17.47 -14.32
C PRO A 164 9.36 -16.23 -15.21
N GLU A 165 9.61 -15.07 -14.65
CA GLU A 165 9.79 -13.90 -15.47
C GLU A 165 11.21 -13.43 -15.30
N SER A 166 11.84 -13.84 -14.21
CA SER A 166 13.26 -13.65 -13.98
C SER A 166 13.65 -14.85 -13.13
N ASP A 167 14.93 -14.97 -12.77
CA ASP A 167 15.35 -16.04 -11.88
C ASP A 167 14.68 -15.96 -10.53
N VAL A 168 14.08 -14.79 -10.20
CA VAL A 168 13.44 -14.63 -8.91
C VAL A 168 11.97 -14.21 -8.98
N ILE A 169 11.48 -13.68 -10.11
CA ILE A 169 10.02 -13.35 -10.15
C ILE A 169 9.25 -14.37 -10.95
N THR A 170 8.11 -14.84 -10.43
CA THR A 170 7.28 -15.80 -11.17
C THR A 170 5.88 -15.26 -11.19
N SER A 171 5.28 -15.36 -12.34
CA SER A 171 3.94 -14.96 -12.60
C SER A 171 3.00 -16.17 -12.39
N PHE A 172 1.88 -15.96 -11.72
CA PHE A 172 0.89 -16.97 -11.45
C PHE A 172 -0.40 -16.48 -12.09
N ILE A 173 -1.03 -17.31 -12.91
CA ILE A 173 -2.36 -16.97 -13.37
C ILE A 173 -3.35 -17.81 -12.57
N LEU A 174 -4.39 -17.16 -12.00
CA LEU A 174 -5.36 -17.80 -11.13
C LEU A 174 -6.78 -17.74 -11.67
N GLU A 175 -7.47 -18.87 -11.66
CA GLU A 175 -8.90 -18.89 -11.99
C GLU A 175 -9.66 -19.43 -10.83
N PRO A 176 -10.92 -18.99 -10.67
CA PRO A 176 -11.62 -19.42 -9.46
C PRO A 176 -11.95 -20.92 -9.50
N ALA A 177 -11.78 -21.61 -8.38
CA ALA A 177 -12.17 -23.04 -8.35
C ALA A 177 -13.62 -23.28 -8.76
N ASP A 178 -14.53 -22.33 -8.55
CA ASP A 178 -15.91 -22.55 -8.90
C ASP A 178 -16.21 -22.30 -10.39
N GLY A 179 -15.20 -21.83 -11.13
CA GLY A 179 -15.36 -21.61 -12.58
C GLY A 179 -16.19 -20.37 -12.94
N GLY A 180 -16.58 -19.59 -11.95
CA GLY A 180 -17.49 -18.44 -12.16
C GLY A 180 -16.71 -17.19 -12.57
N PRO A 181 -17.41 -16.10 -12.91
CA PRO A 181 -16.67 -14.85 -13.18
C PRO A 181 -16.00 -14.22 -11.94
N VAL A 182 -15.05 -13.32 -12.21
CA VAL A 182 -14.30 -12.58 -11.17
C VAL A 182 -14.46 -11.07 -11.39
N VAL A 183 -14.62 -10.35 -10.32
CA VAL A 183 -14.98 -8.95 -10.44
C VAL A 183 -13.77 -8.16 -10.95
N ASN A 184 -14.04 -7.05 -11.62
CA ASN A 184 -12.97 -6.19 -12.17
C ASN A 184 -12.15 -5.54 -11.08
N PHE A 185 -11.00 -5.00 -11.48
CA PHE A 185 -10.11 -4.30 -10.55
C PHE A 185 -9.53 -3.16 -11.39
N GLU A 186 -8.94 -2.17 -10.76
CA GLU A 186 -8.22 -1.13 -11.48
C GLU A 186 -6.70 -1.29 -11.22
N PRO A 187 -5.85 -1.01 -12.21
CA PRO A 187 -4.37 -0.96 -12.01
C PRO A 187 -3.95 -0.20 -10.75
N GLY A 188 -3.12 -0.85 -9.92
CA GLY A 188 -2.70 -0.35 -8.60
C GLY A 188 -3.38 -1.06 -7.45
N GLN A 189 -4.53 -1.65 -7.70
CA GLN A 189 -5.16 -2.53 -6.70
C GLN A 189 -4.51 -3.92 -6.50
N TYR A 190 -4.78 -4.50 -5.35
CA TYR A 190 -4.18 -5.76 -4.97
C TYR A 190 -5.22 -6.78 -4.53
N THR A 191 -4.81 -8.05 -4.54
CA THR A 191 -5.56 -9.14 -3.86
C THR A 191 -4.77 -9.42 -2.57
N SER A 192 -5.37 -10.20 -1.69
CA SER A 192 -4.56 -10.87 -0.70
C SER A 192 -4.61 -12.37 -0.94
N VAL A 193 -3.46 -12.98 -0.73
CA VAL A 193 -3.39 -14.45 -0.66
C VAL A 193 -3.28 -14.85 0.86
N ALA A 194 -4.17 -15.76 1.28
CA ALA A 194 -4.17 -16.37 2.59
C ALA A 194 -3.72 -17.85 2.33
N ILE A 195 -2.68 -18.29 3.02
CA ILE A 195 -2.23 -19.64 2.89
C ILE A 195 -1.69 -20.12 4.25
N ASP A 196 -1.86 -21.42 4.52
CA ASP A 196 -1.22 -22.09 5.66
C ASP A 196 0.29 -22.19 5.44
N VAL A 197 1.04 -21.67 6.41
CA VAL A 197 2.49 -21.79 6.41
C VAL A 197 2.90 -22.95 7.35
N PRO A 198 3.33 -24.09 6.76
CA PRO A 198 3.69 -25.23 7.57
C PRO A 198 4.77 -24.91 8.59
N ALA A 199 5.74 -24.03 8.28
CA ALA A 199 6.82 -23.75 9.24
C ALA A 199 6.31 -23.03 10.46
N LEU A 200 5.23 -22.25 10.30
CA LEU A 200 4.67 -21.50 11.45
C LEU A 200 3.52 -22.21 12.15
N GLY A 201 2.80 -23.07 11.43
CA GLY A 201 1.63 -23.78 11.96
C GLY A 201 0.44 -22.81 11.90
N LEU A 202 0.57 -21.76 11.12
CA LEU A 202 -0.38 -20.62 11.09
C LEU A 202 -0.69 -20.30 9.64
N GLN A 203 -1.88 -19.73 9.41
CA GLN A 203 -2.15 -18.95 8.20
C GLN A 203 -1.34 -17.64 8.22
N GLN A 204 -0.89 -17.20 7.05
CA GLN A 204 -0.37 -15.89 6.86
C GLN A 204 -1.05 -15.29 5.64
N ILE A 205 -1.07 -13.97 5.54
CA ILE A 205 -1.84 -13.32 4.45
C ILE A 205 -0.87 -12.28 3.87
N ARG A 206 -0.70 -12.22 2.57
CA ARG A 206 0.14 -11.22 1.90
C ARG A 206 -0.60 -10.61 0.71
N GLN A 207 -0.30 -9.34 0.49
CA GLN A 207 -0.99 -8.66 -0.64
C GLN A 207 -0.14 -8.80 -1.94
N TYR A 208 -0.81 -8.99 -3.06
CA TYR A 208 -0.12 -8.99 -4.38
C TYR A 208 -0.83 -8.09 -5.40
N SER A 209 -0.07 -7.21 -6.06
CA SER A 209 -0.64 -6.33 -7.07
C SER A 209 -1.28 -7.15 -8.19
N LEU A 210 -2.43 -6.72 -8.62
CA LEU A 210 -3.09 -7.41 -9.70
C LEU A 210 -2.59 -6.84 -11.06
N SER A 211 -2.01 -7.73 -11.91
CA SER A 211 -1.36 -7.35 -13.16
C SER A 211 -2.36 -7.26 -14.27
N ASP A 212 -1.93 -6.55 -15.32
CA ASP A 212 -2.67 -6.44 -16.62
C ASP A 212 -3.99 -5.70 -16.40
N MET A 213 -5.02 -6.09 -17.13
CA MET A 213 -6.33 -5.49 -17.01
C MET A 213 -7.32 -6.59 -16.66
N PRO A 214 -8.46 -6.24 -16.08
CA PRO A 214 -9.39 -7.34 -15.81
C PRO A 214 -9.98 -7.93 -17.11
N ASN A 215 -10.40 -9.21 -17.10
CA ASN A 215 -10.96 -9.89 -18.29
C ASN A 215 -12.19 -10.71 -17.90
N GLY A 216 -12.65 -10.56 -16.66
CA GLY A 216 -13.84 -11.23 -16.16
C GLY A 216 -13.67 -12.69 -15.75
N ARG A 217 -12.51 -13.24 -16.02
CA ARG A 217 -12.30 -14.69 -15.78
CA ARG A 217 -12.29 -14.69 -15.79
C ARG A 217 -11.12 -15.11 -14.90
N SER A 218 -10.02 -14.35 -14.92
CA SER A 218 -8.79 -14.82 -14.28
C SER A 218 -8.08 -13.60 -13.76
N TYR A 219 -7.16 -13.82 -12.83
N TYR A 219 -7.15 -13.78 -12.84
CA TYR A 219 -6.22 -12.77 -12.37
CA TYR A 219 -6.25 -12.73 -12.33
C TYR A 219 -4.78 -13.18 -12.49
C TYR A 219 -4.81 -13.17 -12.48
N ARG A 220 -3.89 -12.23 -12.61
CA ARG A 220 -2.48 -12.62 -12.66
C ARG A 220 -1.77 -11.81 -11.61
N ILE A 221 -0.88 -12.48 -10.84
CA ILE A 221 0.11 -11.81 -9.95
C ILE A 221 1.57 -12.16 -10.30
N SER A 222 2.52 -11.25 -10.05
CA SER A 222 3.95 -11.53 -10.15
C SER A 222 4.56 -11.54 -8.76
N VAL A 223 5.19 -12.63 -8.35
CA VAL A 223 5.63 -12.79 -6.97
C VAL A 223 7.14 -12.92 -6.99
N LYS A 224 7.79 -11.97 -6.32
CA LYS A 224 9.22 -11.98 -6.12
C LYS A 224 9.64 -12.94 -5.00
N ARG A 225 10.54 -13.90 -5.28
CA ARG A 225 11.00 -14.81 -4.19
C ARG A 225 11.88 -14.00 -3.21
N GLU A 226 11.47 -13.92 -1.94
CA GLU A 226 12.24 -13.12 -0.97
C GLU A 226 13.23 -13.96 -0.18
N GLY A 227 14.45 -13.43 -0.08
CA GLY A 227 15.43 -13.92 0.87
C GLY A 227 16.08 -15.16 0.35
N GLY A 228 16.90 -15.79 1.20
CA GLY A 228 17.74 -16.93 0.80
C GLY A 228 19.21 -16.52 0.94
N GLY A 229 20.07 -17.48 1.28
CA GLY A 229 21.46 -17.18 1.66
C GLY A 229 21.48 -16.29 2.90
N PRO A 230 22.39 -15.29 2.95
CA PRO A 230 22.40 -14.26 4.01
C PRO A 230 21.04 -13.79 4.58
N GLN A 231 20.01 -13.72 3.73
CA GLN A 231 18.70 -13.30 4.18
C GLN A 231 17.84 -14.50 4.57
N PRO A 232 17.31 -14.54 5.82
CA PRO A 232 16.36 -15.63 6.08
C PRO A 232 15.11 -15.50 5.17
N PRO A 233 14.80 -16.53 4.35
CA PRO A 233 13.76 -16.56 3.31
C PRO A 233 12.36 -16.09 3.80
N GLY A 234 11.59 -15.40 2.98
CA GLY A 234 10.26 -15.02 3.40
C GLY A 234 9.26 -16.16 3.31
N TYR A 235 8.29 -16.20 4.24
CA TYR A 235 7.36 -17.31 4.30
C TYR A 235 6.59 -17.55 3.01
N VAL A 236 5.77 -16.60 2.61
CA VAL A 236 4.72 -16.86 1.64
C VAL A 236 5.32 -16.82 0.20
N SER A 237 6.30 -15.94 -0.05
CA SER A 237 6.82 -15.85 -1.44
C SER A 237 7.55 -17.15 -1.76
N ASN A 238 8.36 -17.66 -0.83
CA ASN A 238 9.00 -19.00 -1.03
C ASN A 238 8.02 -20.17 -1.14
N LEU A 239 6.98 -20.13 -0.32
CA LEU A 239 5.95 -21.14 -0.36
C LEU A 239 5.25 -21.16 -1.74
N LEU A 240 4.82 -19.99 -2.25
CA LEU A 240 4.28 -19.87 -3.65
C LEU A 240 5.21 -20.42 -4.77
N HIS A 241 6.48 -20.05 -4.70
CA HIS A 241 7.51 -20.47 -5.67
C HIS A 241 7.74 -22.00 -5.63
N ASP A 242 7.86 -22.54 -4.43
CA ASP A 242 8.35 -23.92 -4.28
C ASP A 242 7.26 -24.92 -4.01
N HIS A 243 6.08 -24.52 -3.59
CA HIS A 243 5.13 -25.59 -3.27
C HIS A 243 3.80 -25.40 -3.84
N VAL A 244 3.61 -24.25 -4.44
CA VAL A 244 2.29 -23.97 -5.01
C VAL A 244 2.39 -24.13 -6.52
N ASN A 245 1.88 -25.25 -7.03
CA ASN A 245 2.08 -25.49 -8.47
C ASN A 245 0.79 -25.41 -9.29
N VAL A 246 0.93 -25.54 -10.62
CA VAL A 246 -0.24 -25.60 -11.49
C VAL A 246 -1.24 -26.64 -10.91
N GLY A 247 -2.51 -26.28 -10.73
CA GLY A 247 -3.49 -27.23 -10.24
C GLY A 247 -3.71 -27.11 -8.74
N ASP A 248 -2.79 -26.45 -8.01
CA ASP A 248 -2.95 -26.28 -6.60
C ASP A 248 -3.89 -25.06 -6.35
N GLN A 249 -4.51 -25.03 -5.16
CA GLN A 249 -5.49 -24.00 -4.78
C GLN A 249 -4.96 -23.04 -3.77
N VAL A 250 -5.37 -21.77 -3.87
CA VAL A 250 -5.09 -20.77 -2.83
C VAL A 250 -6.37 -19.97 -2.56
N LYS A 251 -6.44 -19.33 -1.40
CA LYS A 251 -7.58 -18.43 -1.11
C LYS A 251 -7.22 -17.01 -1.48
N LEU A 252 -8.12 -16.32 -2.18
CA LEU A 252 -7.91 -14.89 -2.51
C LEU A 252 -9.00 -14.03 -1.93
N ALA A 253 -8.59 -12.85 -1.54
CA ALA A 253 -9.53 -11.74 -1.25
C ALA A 253 -9.94 -11.03 -2.58
N ALA A 254 -11.08 -10.39 -2.55
CA ALA A 254 -11.54 -9.60 -3.67
C ALA A 254 -10.57 -8.40 -3.80
N PRO A 255 -10.45 -7.81 -5.00
CA PRO A 255 -9.56 -6.64 -5.19
C PRO A 255 -9.98 -5.48 -4.29
N TYR A 256 -8.96 -4.86 -3.70
CA TYR A 256 -9.12 -3.72 -2.87
C TYR A 256 -7.95 -2.78 -3.17
N GLY A 257 -8.04 -1.59 -2.60
CA GLY A 257 -6.92 -0.64 -2.56
C GLY A 257 -7.39 0.67 -3.17
N SER A 258 -6.96 1.79 -2.59
CA SER A 258 -7.43 3.10 -3.15
C SER A 258 -6.40 3.76 -4.03
N PHE A 259 -5.36 3.00 -4.37
CA PHE A 259 -4.30 3.54 -5.23
C PHE A 259 -4.61 3.16 -6.66
N HIS A 260 -5.21 4.08 -7.40
CA HIS A 260 -5.57 3.85 -8.76
C HIS A 260 -6.15 5.10 -9.38
N ILE A 261 -6.20 5.13 -10.70
CA ILE A 261 -6.68 6.32 -11.38
C ILE A 261 -8.21 6.21 -11.35
N ASP A 262 -8.87 7.34 -11.15
CA ASP A 262 -10.31 7.46 -11.30
C ASP A 262 -10.60 7.68 -12.79
N VAL A 263 -10.94 6.60 -13.47
CA VAL A 263 -11.26 6.65 -14.87
C VAL A 263 -12.37 7.71 -15.21
N ASP A 264 -13.15 8.13 -14.21
CA ASP A 264 -14.18 9.21 -14.41
C ASP A 264 -13.77 10.67 -14.25
N ALA A 265 -12.61 10.88 -13.65
CA ALA A 265 -12.10 12.21 -13.55
C ALA A 265 -11.49 12.75 -14.86
N LYS A 266 -11.43 14.08 -14.99
CA LYS A 266 -10.88 14.68 -16.18
C LYS A 266 -9.66 15.49 -15.82
N THR A 267 -9.27 15.41 -14.55
CA THR A 267 -8.30 16.34 -13.99
C THR A 267 -6.86 15.76 -14.17
N PRO A 268 -5.83 16.59 -13.95
CA PRO A 268 -4.45 16.19 -14.27
C PRO A 268 -3.96 14.99 -13.42
N ILE A 269 -3.00 14.26 -13.99
CA ILE A 269 -2.48 13.07 -13.34
C ILE A 269 -0.98 13.31 -13.22
N VAL A 270 -0.47 13.23 -11.99
CA VAL A 270 0.95 13.29 -11.78
C VAL A 270 1.37 11.94 -11.18
N LEU A 271 2.04 11.13 -12.01
CA LEU A 271 2.59 9.86 -11.63
C LEU A 271 4.04 10.08 -11.22
N ILE A 272 4.37 9.65 -10.00
CA ILE A 272 5.75 9.78 -9.50
C ILE A 272 6.27 8.41 -9.07
N SER A 273 7.23 7.89 -9.85
CA SER A 273 7.79 6.54 -9.68
C SER A 273 9.25 6.49 -9.22
N GLY A 274 9.44 5.73 -8.15
CA GLY A 274 10.65 5.75 -7.34
C GLY A 274 11.57 4.57 -7.66
N GLY A 275 11.16 3.76 -8.64
CA GLY A 275 11.98 2.63 -9.12
C GLY A 275 11.16 1.48 -9.70
N VAL A 276 9.83 1.58 -9.70
CA VAL A 276 9.00 0.50 -10.24
C VAL A 276 9.26 0.26 -11.75
N GLY A 277 9.29 -1.00 -12.17
CA GLY A 277 9.49 -1.39 -13.57
C GLY A 277 8.27 -1.37 -14.48
N LEU A 278 8.54 -1.77 -15.73
CA LEU A 278 7.62 -1.72 -16.87
C LEU A 278 6.32 -2.44 -16.53
N THR A 279 6.46 -3.60 -15.89
CA THR A 279 5.33 -4.21 -15.24
C THR A 279 5.50 -4.03 -13.74
N PRO A 280 4.48 -3.48 -13.08
CA PRO A 280 3.17 -3.27 -13.68
C PRO A 280 2.84 -1.83 -14.08
N MET A 281 3.83 -0.94 -14.02
CA MET A 281 3.53 0.48 -14.22
C MET A 281 2.79 0.77 -15.54
N VAL A 282 3.14 0.03 -16.59
CA VAL A 282 2.52 0.20 -17.90
C VAL A 282 0.97 0.23 -17.87
N SER A 283 0.32 -0.68 -17.14
CA SER A 283 -1.15 -0.73 -17.07
C SER A 283 -1.72 0.57 -16.55
N MET A 284 -1.04 1.15 -15.57
CA MET A 284 -1.51 2.39 -14.94
C MET A 284 -1.27 3.57 -15.93
N LEU A 285 -0.07 3.67 -16.50
CA LEU A 285 0.21 4.69 -17.54
C LEU A 285 -0.81 4.59 -18.70
N LYS A 286 -1.16 3.38 -19.13
CA LYS A 286 -2.23 3.16 -20.09
C LYS A 286 -3.57 3.75 -19.64
N VAL A 287 -3.95 3.50 -18.39
CA VAL A 287 -5.16 4.09 -17.92
C VAL A 287 -5.02 5.62 -17.98
N ALA A 288 -3.85 6.17 -17.58
CA ALA A 288 -3.72 7.63 -17.52
C ALA A 288 -3.95 8.28 -18.91
N LEU A 289 -3.49 7.58 -19.96
CA LEU A 289 -3.48 8.09 -21.33
C LEU A 289 -4.70 7.65 -22.15
N GLN A 290 -5.68 6.95 -21.57
CA GLN A 290 -6.94 6.71 -22.28
C GLN A 290 -7.64 8.04 -22.63
N ALA A 291 -8.29 8.08 -23.80
CA ALA A 291 -9.16 9.18 -24.21
C ALA A 291 -10.41 9.14 -23.31
N PRO A 292 -11.04 10.31 -23.08
CA PRO A 292 -10.62 11.65 -23.54
C PRO A 292 -9.30 12.11 -22.84
N PRO A 293 -8.43 12.88 -23.55
CA PRO A 293 -7.11 13.20 -22.94
C PRO A 293 -7.21 14.00 -21.64
N ARG A 294 -6.29 13.68 -20.73
CA ARG A 294 -6.05 14.35 -19.46
C ARG A 294 -4.59 14.75 -19.50
N GLN A 295 -4.25 15.80 -18.79
CA GLN A 295 -2.88 16.23 -18.64
C GLN A 295 -2.19 15.20 -17.75
N VAL A 296 -1.08 14.69 -18.24
CA VAL A 296 -0.38 13.64 -17.52
C VAL A 296 1.06 14.09 -17.39
N VAL A 297 1.57 14.08 -16.14
CA VAL A 297 3.02 14.30 -15.96
C VAL A 297 3.59 13.00 -15.37
N PHE A 298 4.65 12.48 -15.98
CA PHE A 298 5.37 11.33 -15.40
C PHE A 298 6.73 11.76 -14.86
N VAL A 299 6.92 11.55 -13.54
CA VAL A 299 8.17 11.84 -12.83
C VAL A 299 8.91 10.54 -12.50
N HIS A 300 10.00 10.30 -13.22
CA HIS A 300 10.63 9.01 -13.14
C HIS A 300 11.94 9.11 -12.36
N GLY A 301 11.91 8.57 -11.14
CA GLY A 301 13.03 8.58 -10.24
C GLY A 301 13.74 7.26 -10.35
N ALA A 302 14.82 7.24 -11.12
CA ALA A 302 15.54 6.00 -11.37
C ALA A 302 16.98 6.04 -10.81
N ARG A 303 17.67 4.89 -10.87
CA ARG A 303 19.16 4.75 -10.67
C ARG A 303 19.95 5.50 -11.72
N ASN A 304 19.85 4.96 -12.93
CA ASN A 304 20.65 5.36 -14.07
C ASN A 304 20.31 4.44 -15.25
N SER A 305 21.06 4.59 -16.35
CA SER A 305 20.89 3.82 -17.58
C SER A 305 20.91 2.30 -17.47
N ALA A 306 21.58 1.77 -16.43
CA ALA A 306 21.90 0.34 -16.36
C ALA A 306 20.68 -0.52 -16.75
N VAL A 307 19.50 -0.09 -16.29
CA VAL A 307 18.23 -0.60 -16.78
C VAL A 307 17.44 0.63 -17.22
N HIS A 308 16.85 0.54 -18.40
CA HIS A 308 16.24 1.69 -19.01
C HIS A 308 14.94 1.37 -19.77
N ALA A 309 14.43 0.15 -19.61
CA ALA A 309 13.10 -0.25 -20.15
C ALA A 309 11.95 0.74 -19.83
N MET A 310 11.89 1.21 -18.60
CA MET A 310 10.83 2.15 -18.26
C MET A 310 11.17 3.54 -18.85
N ARG A 311 12.42 4.00 -18.77
CA ARG A 311 12.79 5.27 -19.44
C ARG A 311 12.42 5.28 -20.94
N ASP A 312 12.73 4.18 -21.64
CA ASP A 312 12.40 4.06 -23.07
C ASP A 312 10.89 3.96 -23.41
N ARG A 313 10.14 3.11 -22.72
CA ARG A 313 8.68 3.07 -22.93
C ARG A 313 8.08 4.45 -22.70
N LEU A 314 8.58 5.15 -21.68
CA LEU A 314 8.10 6.50 -21.38
C LEU A 314 8.43 7.52 -22.45
N ARG A 315 9.66 7.50 -22.99
CA ARG A 315 10.07 8.43 -24.06
C ARG A 315 9.25 8.26 -25.35
N GLU A 316 8.86 7.01 -25.61
CA GLU A 316 8.05 6.67 -26.78
C GLU A 316 6.61 7.21 -26.63
N ALA A 317 6.02 6.99 -25.45
CA ALA A 317 4.71 7.55 -25.09
C ALA A 317 4.67 9.09 -25.18
N ALA A 318 5.78 9.72 -24.76
CA ALA A 318 5.93 11.18 -24.75
C ALA A 318 6.04 11.70 -26.18
N LYS A 319 6.47 10.87 -27.13
CA LYS A 319 6.41 11.24 -28.55
C LYS A 319 5.02 11.13 -29.21
N THR A 320 4.17 10.18 -28.80
CA THR A 320 2.77 10.09 -29.30
C THR A 320 1.78 11.09 -28.65
N TYR A 321 1.96 11.35 -27.35
CA TYR A 321 0.99 12.11 -26.57
C TYR A 321 1.55 13.47 -26.24
N GLU A 322 1.02 14.53 -26.86
CA GLU A 322 1.46 15.87 -26.54
C GLU A 322 1.08 16.23 -25.11
N ASN A 323 0.03 15.60 -24.58
CA ASN A 323 -0.43 15.79 -23.12
C ASN A 323 0.37 15.05 -21.99
N LEU A 324 1.42 14.34 -22.38
CA LEU A 324 2.36 13.68 -21.44
C LEU A 324 3.63 14.55 -21.33
N ASP A 325 3.98 14.95 -20.11
CA ASP A 325 5.20 15.67 -19.81
C ASP A 325 6.07 14.68 -18.98
N LEU A 326 7.27 14.36 -19.44
CA LEU A 326 8.13 13.40 -18.73
C LEU A 326 9.29 14.09 -18.00
N PHE A 327 9.51 13.77 -16.71
CA PHE A 327 10.75 14.17 -16.02
C PHE A 327 11.55 12.97 -15.47
N VAL A 328 12.86 12.99 -15.68
CA VAL A 328 13.73 11.94 -15.19
C VAL A 328 14.79 12.42 -14.19
N PHE A 329 14.81 11.76 -13.03
CA PHE A 329 15.91 11.89 -12.12
C PHE A 329 16.67 10.56 -12.11
N TYR A 330 18.01 10.68 -12.12
CA TYR A 330 18.98 9.59 -11.90
C TYR A 330 19.74 9.91 -10.59
N ASP A 331 19.52 9.16 -9.51
CA ASP A 331 20.28 9.49 -8.28
C ASP A 331 21.73 9.08 -8.27
N GLN A 332 22.08 7.98 -8.92
CA GLN A 332 23.50 7.72 -9.12
C GLN A 332 23.91 7.53 -10.59
N PRO A 333 24.05 8.67 -11.31
CA PRO A 333 24.27 8.58 -12.76
C PRO A 333 25.56 7.83 -13.08
N LEU A 334 25.45 6.94 -14.05
CA LEU A 334 26.58 6.20 -14.53
C LEU A 334 27.58 7.19 -15.14
N PRO A 335 28.89 6.86 -15.11
CA PRO A 335 29.85 7.78 -15.71
C PRO A 335 29.32 8.27 -17.06
N GLU A 336 28.72 7.34 -17.80
CA GLU A 336 28.29 7.60 -19.16
C GLU A 336 26.98 8.42 -19.30
N ASP A 337 26.19 8.56 -18.23
CA ASP A 337 24.95 9.41 -18.24
C ASP A 337 25.22 10.92 -18.11
N VAL A 338 24.68 11.71 -19.04
CA VAL A 338 24.92 13.18 -19.06
C VAL A 338 23.60 13.91 -18.85
N GLN A 339 23.62 14.92 -17.98
CA GLN A 339 22.41 15.68 -17.62
C GLN A 339 21.86 16.45 -18.80
N GLY A 340 20.68 16.09 -19.27
CA GLY A 340 20.17 16.69 -20.50
C GLY A 340 19.84 15.73 -21.62
N ARG A 341 20.67 14.71 -21.88
CA ARG A 341 20.27 13.65 -22.85
C ARG A 341 19.84 12.26 -22.27
N ASP A 342 20.35 11.88 -21.10
CA ASP A 342 20.06 10.55 -20.53
C ASP A 342 19.12 10.67 -19.32
N TYR A 343 19.07 11.86 -18.75
CA TYR A 343 18.19 12.21 -17.62
C TYR A 343 18.11 13.74 -17.48
N ASP A 344 17.12 14.21 -16.72
CA ASP A 344 16.91 15.63 -16.42
C ASP A 344 17.68 16.16 -15.21
N TYR A 345 17.58 15.49 -14.06
CA TYR A 345 18.25 15.96 -12.81
C TYR A 345 18.94 14.89 -11.94
N PRO A 346 20.09 15.24 -11.30
CA PRO A 346 20.78 14.25 -10.45
C PRO A 346 20.05 14.04 -9.11
N GLY A 347 20.07 12.82 -8.56
CA GLY A 347 19.52 12.56 -7.21
C GLY A 347 18.12 11.93 -7.24
N LEU A 348 17.45 11.89 -6.09
CA LEU A 348 16.09 11.36 -6.01
C LEU A 348 15.08 12.45 -6.39
N VAL A 349 13.94 12.02 -6.90
CA VAL A 349 12.90 12.97 -7.21
C VAL A 349 12.86 14.07 -6.16
N ASP A 350 12.83 15.29 -6.66
CA ASP A 350 12.74 16.46 -5.81
C ASP A 350 11.70 17.40 -6.44
N VAL A 351 10.50 17.42 -5.85
CA VAL A 351 9.35 18.16 -6.40
C VAL A 351 9.51 19.68 -6.39
N LYS A 352 10.33 20.22 -5.47
CA LYS A 352 10.58 21.66 -5.48
C LYS A 352 11.28 22.04 -6.78
N GLN A 353 12.18 21.17 -7.26
CA GLN A 353 12.88 21.41 -8.52
C GLN A 353 11.99 21.51 -9.78
N ILE A 354 10.81 20.88 -9.74
CA ILE A 354 9.85 20.95 -10.84
C ILE A 354 8.48 21.50 -10.34
N GLU A 355 8.47 22.32 -9.28
CA GLU A 355 7.15 22.83 -8.74
C GLU A 355 6.11 23.24 -9.76
N LYS A 356 6.50 24.24 -10.57
CA LYS A 356 5.63 24.81 -11.61
C LYS A 356 5.11 23.74 -12.56
N SER A 357 5.93 22.73 -12.78
CA SER A 357 5.58 21.63 -13.64
C SER A 357 4.57 20.64 -13.03
N ILE A 358 4.52 20.50 -11.71
CA ILE A 358 3.65 19.42 -11.14
C ILE A 358 2.52 19.97 -10.27
N LEU A 359 2.63 21.25 -9.93
CA LEU A 359 1.68 21.84 -9.00
C LEU A 359 0.50 22.36 -9.83
N LEU A 360 -0.31 21.43 -10.31
CA LEU A 360 -1.29 21.76 -11.32
C LEU A 360 -2.61 21.80 -10.58
N PRO A 361 -3.53 22.67 -11.01
CA PRO A 361 -4.86 22.78 -10.36
C PRO A 361 -5.64 21.48 -10.32
N ASP A 362 -6.07 21.05 -9.14
CA ASP A 362 -6.96 19.88 -9.03
C ASP A 362 -6.28 18.60 -9.49
N ALA A 363 -4.97 18.54 -9.47
CA ALA A 363 -4.29 17.29 -9.81
C ALA A 363 -4.44 16.25 -8.74
N ASP A 364 -4.23 15.01 -9.16
CA ASP A 364 -4.04 13.87 -8.26
C ASP A 364 -2.65 13.37 -8.52
N TYR A 365 -2.07 12.89 -7.44
CA TYR A 365 -0.69 12.45 -7.38
C TYR A 365 -0.61 10.96 -7.01
N TYR A 366 0.15 10.21 -7.78
CA TYR A 366 0.26 8.76 -7.63
C TYR A 366 1.72 8.39 -7.51
N ILE A 367 2.10 7.94 -6.31
CA ILE A 367 3.52 7.70 -5.98
C ILE A 367 3.68 6.23 -5.74
N CYS A 368 4.74 5.67 -6.32
CA CYS A 368 5.04 4.29 -6.10
C CYS A 368 6.56 4.13 -6.13
N GLY A 369 7.04 3.00 -5.62
CA GLY A 369 8.51 2.79 -5.49
C GLY A 369 8.70 2.26 -4.08
N PRO A 370 9.97 2.37 -3.54
CA PRO A 370 10.33 1.94 -2.16
C PRO A 370 9.47 2.68 -1.16
N ILE A 371 9.31 2.12 0.03
CA ILE A 371 8.39 2.69 0.99
C ILE A 371 8.90 4.03 1.53
N PRO A 372 10.22 4.13 1.87
CA PRO A 372 10.73 5.45 2.26
C PRO A 372 10.66 6.52 1.18
N PHE A 373 10.61 6.08 -0.09
CA PHE A 373 10.53 7.02 -1.22
C PHE A 373 9.12 7.58 -1.22
N MET A 374 8.09 6.72 -1.14
CA MET A 374 6.69 7.16 -1.15
C MET A 374 6.41 8.11 -0.02
N ARG A 375 6.90 7.79 1.17
CA ARG A 375 6.78 8.69 2.33
C ARG A 375 7.46 10.05 2.13
N MET A 376 8.68 10.05 1.60
CA MET A 376 9.42 11.29 1.36
C MET A 376 8.56 12.20 0.41
N GLN A 377 8.00 11.56 -0.64
CA GLN A 377 7.29 12.28 -1.71
C GLN A 377 5.93 12.71 -1.20
N HIS A 378 5.22 11.83 -0.51
CA HIS A 378 4.05 12.28 0.24
C HIS A 378 4.29 13.54 1.03
N ASP A 379 5.31 13.55 1.88
CA ASP A 379 5.57 14.72 2.75
C ASP A 379 6.00 15.96 1.97
N ALA A 380 6.84 15.79 0.94
CA ALA A 380 7.20 16.91 0.04
C ALA A 380 5.94 17.60 -0.55
N LEU A 381 4.99 16.82 -1.05
CA LEU A 381 3.81 17.36 -1.68
C LEU A 381 2.90 18.03 -0.65
N LYS A 382 2.77 17.43 0.55
CA LYS A 382 2.02 18.08 1.63
C LYS A 382 2.65 19.45 1.89
N ASN A 383 3.97 19.53 1.83
CA ASN A 383 4.65 20.83 2.12
C ASN A 383 4.41 21.87 1.04
N LEU A 384 3.86 21.47 -0.09
CA LEU A 384 3.60 22.42 -1.15
C LEU A 384 2.15 22.86 -1.09
N GLY A 385 1.42 22.35 -0.11
CA GLY A 385 0.01 22.70 0.07
C GLY A 385 -0.98 21.74 -0.56
N ILE A 386 -0.53 20.57 -1.02
CA ILE A 386 -1.45 19.61 -1.70
C ILE A 386 -2.29 18.92 -0.61
N HIS A 387 -3.59 18.75 -0.81
CA HIS A 387 -4.42 18.12 0.19
C HIS A 387 -4.18 16.64 0.22
N GLU A 388 -4.34 16.09 1.42
CA GLU A 388 -4.11 14.68 1.65
C GLU A 388 -4.92 13.81 0.67
N ALA A 389 -6.16 14.24 0.40
CA ALA A 389 -7.08 13.49 -0.45
C ALA A 389 -6.65 13.33 -1.93
N ARG A 390 -5.65 14.12 -2.35
N ARG A 390 -5.67 14.11 -2.38
CA ARG A 390 -5.14 14.17 -3.74
CA ARG A 390 -5.24 14.04 -3.77
C ARG A 390 -3.81 13.43 -3.88
C ARG A 390 -3.82 13.43 -3.89
N ILE A 391 -3.31 12.85 -2.80
CA ILE A 391 -2.03 12.12 -2.80
C ILE A 391 -2.30 10.64 -2.56
N HIS A 392 -1.80 9.79 -3.47
CA HIS A 392 -2.12 8.38 -3.40
C HIS A 392 -0.84 7.61 -3.55
N TYR A 393 -0.70 6.52 -2.77
CA TYR A 393 0.52 5.74 -2.81
C TYR A 393 0.34 4.34 -2.22
N GLU A 394 1.11 3.39 -2.73
CA GLU A 394 0.95 1.98 -2.40
C GLU A 394 2.15 1.24 -2.97
N VAL A 395 2.46 0.13 -2.31
CA VAL A 395 3.33 -0.88 -2.87
C VAL A 395 2.71 -1.38 -4.15
N PHE A 396 3.52 -1.37 -5.22
CA PHE A 396 2.97 -1.66 -6.53
C PHE A 396 3.88 -2.62 -7.31
N GLY A 397 3.52 -3.92 -7.34
CA GLY A 397 4.32 -4.94 -8.07
C GLY A 397 5.45 -5.59 -7.32
N PRO A 398 6.16 -6.53 -7.96
CA PRO A 398 7.17 -7.29 -7.28
C PRO A 398 8.57 -6.70 -7.16
N ASP A 399 8.81 -5.46 -7.53
CA ASP A 399 10.23 -5.00 -7.55
C ASP A 399 10.19 -3.51 -7.52
N LEU A 400 10.40 -2.98 -6.32
CA LEU A 400 10.40 -1.55 -6.09
C LEU A 400 11.76 -0.93 -6.51
N PHE A 401 12.67 -1.76 -7.02
CA PHE A 401 14.05 -1.35 -7.43
C PHE A 401 14.40 -1.81 -8.81
N ALA A 402 13.43 -1.78 -9.71
CA ALA A 402 13.61 -2.41 -11.01
C ALA A 402 14.42 -1.47 -11.89
N GLU A 403 14.32 -0.18 -11.54
CA GLU A 403 14.98 0.88 -12.29
C GLU A 403 15.34 2.11 -11.44
CHA HEM B . -3.04 -2.63 9.22
CHB HEM B . -4.87 1.07 11.70
CHC HEM B . -8.00 -1.99 13.77
CHD HEM B . -5.78 -5.80 11.73
C1A HEM B . -3.22 -1.34 9.69
C2A HEM B . -2.53 -0.15 9.29
C3A HEM B . -3.02 0.88 9.99
C4A HEM B . -4.09 0.37 10.83
CMA HEM B . -2.62 2.35 9.94
CAA HEM B . -1.38 -0.10 8.30
CBA HEM B . -2.09 0.09 7.01
CGA HEM B . -1.13 0.01 5.80
O1A HEM B . -1.51 0.44 4.71
O2A HEM B . 0.01 -0.52 5.93
C1B HEM B . -5.85 0.56 12.49
C2B HEM B . -6.72 1.33 13.35
C3B HEM B . -7.61 0.51 13.96
C4B HEM B . -7.30 -0.83 13.49
CMB HEM B . -6.50 2.86 13.42
CAB HEM B . -8.74 0.84 15.00
CBB HEM B . -9.39 2.02 15.02
C1C HEM B . -7.75 -3.29 13.40
C2C HEM B . -8.47 -4.49 13.78
C3C HEM B . -7.85 -5.55 13.23
C4C HEM B . -6.70 -5.08 12.49
CMC HEM B . -9.71 -4.58 14.72
CAC HEM B . -8.29 -6.98 13.45
CBC HEM B . -7.43 -7.99 13.52
C1D HEM B . -4.81 -5.31 10.90
C2D HEM B . -3.85 -6.12 10.18
C3D HEM B . -2.99 -5.15 9.39
C4D HEM B . -3.52 -3.83 9.73
CMD HEM B . -3.76 -7.70 10.23
CAD HEM B . -1.77 -5.48 8.44
CBD HEM B . -0.45 -5.46 9.20
CGD HEM B . -0.01 -6.81 9.79
O1D HEM B . -0.47 -7.90 9.30
O2D HEM B . 0.81 -6.90 10.76
NA HEM B . -4.16 -0.95 10.56
NB HEM B . -6.25 -0.74 12.58
NC HEM B . -6.72 -3.71 12.60
ND HEM B . -4.59 -3.98 10.62
FE HEM B . -5.42 -2.33 11.58
PA FAD C . 8.04 -12.45 5.14
O1A FAD C . 6.83 -11.76 5.67
O2A FAD C . 8.27 -13.81 5.78
O5B FAD C . 9.42 -11.59 5.39
C5B FAD C . 9.52 -10.29 4.81
C4B FAD C . 10.98 -9.95 4.59
O4B FAD C . 11.71 -10.13 5.78
C3B FAD C . 11.62 -10.93 3.59
O3B FAD C . 12.48 -10.22 2.75
C2B FAD C . 12.49 -11.84 4.41
O2B FAD C . 13.53 -12.35 3.60
C1B FAD C . 12.89 -10.87 5.51
N9A FAD C . 13.33 -11.41 6.82
C8A FAD C . 13.42 -12.72 7.25
N7A FAD C . 13.86 -12.72 8.53
C5A FAD C . 14.03 -11.42 8.94
C6A FAD C . 14.48 -10.85 10.13
N6A FAD C . 15.36 -11.58 10.83
N1A FAD C . 14.53 -9.46 10.25
C2A FAD C . 14.20 -8.63 9.18
N3A FAD C . 13.77 -9.23 8.00
C4A FAD C . 13.70 -10.60 7.87
N1 FAD C . 5.19 -8.63 -3.56
C2 FAD C . 5.40 -9.15 -4.81
O2 FAD C . 6.30 -10.01 -4.97
N3 FAD C . 4.59 -8.77 -5.84
C4 FAD C . 3.60 -7.84 -5.74
O4 FAD C . 2.90 -7.55 -6.72
C4X FAD C . 3.38 -7.32 -4.47
N5 FAD C . 2.35 -6.45 -4.26
C5X FAD C . 2.14 -5.90 -2.96
C6 FAD C . 1.10 -4.96 -2.81
C7 FAD C . 0.85 -4.44 -1.51
C7M FAD C . -0.29 -3.43 -1.33
C8 FAD C . 1.63 -4.85 -0.42
C8M FAD C . 1.40 -4.27 0.95
C9 FAD C . 2.70 -5.76 -0.59
C9A FAD C . 2.98 -6.29 -1.88
N10 FAD C . 3.99 -7.22 -2.10
C10 FAD C . 4.18 -7.73 -3.38
C1' FAD C . 4.92 -7.76 -1.00
C2' FAD C . 4.17 -9.03 -0.48
O2' FAD C . 2.94 -8.64 0.07
C3' FAD C . 5.00 -9.80 0.54
O3' FAD C . 5.32 -8.87 1.53
C4' FAD C . 6.26 -10.47 -0.04
O4' FAD C . 5.80 -11.45 -0.96
C5' FAD C . 7.18 -11.05 1.06
O5' FAD C . 6.41 -11.92 1.92
P FAD C . 6.90 -13.22 2.52
O1P FAD C . 5.76 -13.91 3.29
O2P FAD C . 7.57 -14.06 1.48
O3P FAD C . 8.04 -12.65 3.48
O X89 D . -3.05 0.49 16.44
C1 X89 D . -2.70 -1.92 16.41
N1 X89 D . -3.02 -2.38 14.98
C2 X89 D . -4.17 -2.10 14.31
N3 X89 D . -4.15 -2.60 13.05
C4 X89 D . -2.89 -3.24 12.96
C5 X89 D . -2.20 -3.10 14.13
CL2A X89 D . 0.69 -1.56 16.78
CL2B X89 D . -1.61 4.13 18.40
CL4A X89 D . 1.71 0.35 11.82
CL4B X89 D . -6.80 5.77 17.97
C1A X89 D . -1.16 -0.26 15.30
C1B X89 D . -3.60 2.73 17.04
C2A X89 D . 0.15 -0.72 15.34
C2B X89 D . -3.29 3.85 17.76
C3A X89 D . 1.05 -0.53 14.31
C3B X89 D . -4.30 4.77 18.03
C4A X89 D . 0.58 0.12 13.19
C4B X89 D . -5.60 4.53 17.57
C5A X89 D . -0.75 0.59 13.13
C5B X89 D . -5.93 3.41 16.86
C6A X89 D . -1.62 0.39 14.19
C6B X89 D . -4.92 2.48 16.61
CBA X89 D . -2.06 -0.52 16.48
CBB X89 D . -2.49 1.73 16.79
P PO4 E . -3.76 5.22 13.83
O1 PO4 E . -3.86 5.57 12.33
O2 PO4 E . -4.70 6.18 14.54
O3 PO4 E . -4.06 3.78 14.04
O4 PO4 E . -2.37 5.31 14.43
#